data_3I8U
#
_entry.id   3I8U
#
_cell.length_a   70.822
_cell.length_b   95.087
_cell.length_c   42.782
_cell.angle_alpha   90.000
_cell.angle_beta   90.000
_cell.angle_gamma   90.000
#
_symmetry.space_group_name_H-M   'P 21 21 2'
#
loop_
_entity.id
_entity.type
_entity.pdbx_description
1 polymer 'Phycocyanobilin:ferredoxin oxidoreductase'
2 non-polymer '3-[2-[(Z)-[3-(2-carboxyethyl)-5-[(Z)-(3-ethenyl-4-methyl-5-oxo-pyrrol-2-ylidene)methyl]-4-methyl-pyrrol-2-ylidene]methy l]-5-[(Z)-(4-ethyl-3-methyl-5-oxo-pyrrol-2-ylidene)methyl]-4-methyl-1H-pyrrol-3-yl]propanoic acid'
3 water water
#
_entity_poly.entity_id   1
_entity_poly.type   'polypeptide(L)'
_entity_poly.pdbx_seq_one_letter_code
;MAVTDLSLTNSSLMPTLNPMIQQLALAIAASWQSLPLKPYQLPEDLGYVEGRLEGEKLVIENRCYQTPQFRKMHLELAKV
GKGLDILHCVMFPEPLYGLPLFGCDIVAGPGGVSAAIADLSPTQSDRQLPAAYQKSLAELGQPEFEQQRELPPWGEIFSE
YCLFIRPSNVTEEERFVQRVVDFLQIHCHQSIVAEPLSEAQTLEHRQGQIHYCQQQQKNDKTRRVLEKAFGEAWAERYMS
QVLFDVIQ
;
_entity_poly.pdbx_strand_id   X
#
loop_
_chem_comp.id
_chem_comp.type
_chem_comp.name
_chem_comp.formula
18B non-polymer '3-[2-[(Z)-[3-(2-carboxyethyl)-5-[(Z)-(3-ethenyl-4-methyl-5-oxo-pyrrol-2-ylidene)methyl]-4-methyl-pyrrol-2-ylidene]methy l]-5-[(Z)-(4-ethyl-3-methyl-5-oxo-pyrrol-2-ylidene)methyl]-4-methyl-1H-pyrrol-3-yl]propanoic acid' 'C33 H36 N4 O6'
#
# COMPACT_ATOMS: atom_id res chain seq x y z
N LEU A 6 9.65 -9.12 11.12
CA LEU A 6 8.64 -8.06 10.84
C LEU A 6 8.79 -6.89 11.80
N SER A 7 9.40 -7.15 12.96
CA SER A 7 9.35 -6.22 14.08
C SER A 7 9.84 -4.85 13.69
N LEU A 8 9.12 -3.84 14.15
CA LEU A 8 9.47 -2.47 13.89
C LEU A 8 10.30 -1.90 15.04
N THR A 9 10.48 -2.65 16.12
CA THR A 9 11.23 -2.13 17.27
C THR A 9 12.69 -1.80 16.92
N ASN A 10 13.29 -2.47 15.94
CA ASN A 10 14.66 -2.14 15.53
C ASN A 10 14.76 -1.25 14.28
N SER A 11 13.64 -0.69 13.82
CA SER A 11 13.64 0.23 12.68
C SER A 11 14.29 1.54 13.05
N SER A 12 15.22 1.99 12.23
CA SER A 12 15.90 3.27 12.47
C SER A 12 15.02 4.45 12.07
N LEU A 13 14.15 4.27 11.10
CA LEU A 13 13.25 5.33 10.68
C LEU A 13 12.07 5.52 11.62
N MET A 14 11.50 4.44 12.14
CA MET A 14 10.21 4.51 12.88
C MET A 14 10.13 5.64 13.93
N PRO A 15 11.15 5.73 14.81
CA PRO A 15 11.06 6.70 15.90
C PRO A 15 10.95 8.16 15.43
N THR A 16 11.33 8.40 14.18
CA THR A 16 11.43 9.74 13.60
C THR A 16 10.26 10.07 12.64
N LEU A 17 9.36 9.12 12.44
CA LEU A 17 8.21 9.34 11.53
C LEU A 17 7.00 9.96 12.18
N ASN A 18 6.20 10.63 11.36
CA ASN A 18 4.91 11.18 11.78
C ASN A 18 4.15 10.16 12.60
N PRO A 19 3.56 10.56 13.73
CA PRO A 19 2.79 9.64 14.58
C PRO A 19 1.68 8.81 13.91
N MET A 20 0.96 9.36 12.94
CA MET A 20 -0.03 8.60 12.22
C MET A 20 0.62 7.50 11.41
N ILE A 21 1.74 7.79 10.78
CA ILE A 21 2.52 6.78 10.06
C ILE A 21 3.00 5.70 11.02
N GLN A 22 3.48 6.11 12.21
CA GLN A 22 3.90 5.13 13.20
C GLN A 22 2.80 4.17 13.56
N GLN A 23 1.60 4.71 13.83
CA GLN A 23 0.45 3.87 14.20
C GLN A 23 0.01 2.95 13.07
N LEU A 24 0.05 3.47 11.86
CA LEU A 24 -0.30 2.62 10.70
C LEU A 24 0.70 1.48 10.50
N ALA A 25 1.99 1.79 10.60
CA ALA A 25 3.02 0.78 10.45
C ALA A 25 2.83 -0.31 11.50
N LEU A 26 2.54 0.10 12.74
CA LEU A 26 2.36 -0.88 13.79
C LEU A 26 1.14 -1.73 13.54
N ALA A 27 0.07 -1.13 13.04
CA ALA A 27 -1.17 -1.85 12.69
C ALA A 27 -0.99 -2.87 11.59
N ILE A 28 -0.22 -2.49 10.57
CA ILE A 28 0.01 -3.39 9.47
C ILE A 28 0.88 -4.55 9.96
N ALA A 29 1.95 -4.23 10.67
CA ALA A 29 2.85 -5.26 11.25
C ALA A 29 2.04 -6.20 12.14
N ALA A 30 1.08 -5.67 12.92
CA ALA A 30 0.25 -6.50 13.83
C ALA A 30 -0.65 -7.42 13.07
N SER A 31 -1.13 -6.95 11.93
CA SER A 31 -2.01 -7.76 11.09
C SER A 31 -1.28 -8.94 10.46
N TRP A 32 -0.03 -8.71 10.10
CA TRP A 32 0.79 -9.71 9.40
C TRP A 32 1.54 -10.67 10.36
N GLN A 33 1.76 -10.25 11.59
CA GLN A 33 2.73 -10.91 12.49
C GLN A 33 2.53 -12.40 12.69
N SER A 34 1.29 -12.86 12.73
CA SER A 34 1.00 -14.28 13.06
C SER A 34 0.58 -15.09 11.83
N LEU A 35 0.68 -14.49 10.65
CA LEU A 35 0.37 -15.19 9.42
C LEU A 35 1.45 -16.20 9.09
N PRO A 36 1.17 -17.13 8.15
CA PRO A 36 2.20 -18.03 7.71
C PRO A 36 3.15 -17.33 6.74
N LEU A 37 3.96 -16.44 7.29
CA LEU A 37 4.90 -15.61 6.53
C LEU A 37 6.12 -16.35 6.09
N LYS A 38 6.61 -16.01 4.91
CA LYS A 38 7.95 -16.29 4.56
C LYS A 38 8.53 -15.02 3.93
N PRO A 39 9.84 -14.89 3.95
CA PRO A 39 10.43 -13.72 3.32
C PRO A 39 10.17 -13.71 1.82
N TYR A 40 10.03 -12.50 1.27
CA TYR A 40 9.97 -12.25 -0.14
C TYR A 40 11.20 -11.42 -0.47
N GLN A 41 12.07 -11.95 -1.32
CA GLN A 41 13.33 -11.31 -1.70
C GLN A 41 13.03 -10.30 -2.78
N LEU A 42 13.24 -9.03 -2.47
CA LEU A 42 13.10 -7.96 -3.44
C LEU A 42 14.31 -8.01 -4.36
N PRO A 43 14.24 -7.33 -5.52
CA PRO A 43 15.39 -7.28 -6.42
C PRO A 43 16.64 -6.87 -5.67
N GLU A 44 17.75 -7.55 -5.98
CA GLU A 44 19.03 -7.31 -5.28
C GLU A 44 18.94 -7.48 -3.73
N ASP A 45 18.00 -8.28 -3.24
CA ASP A 45 17.82 -8.48 -1.80
C ASP A 45 17.74 -7.14 -1.03
N LEU A 46 17.06 -6.16 -1.63
CA LEU A 46 16.98 -4.84 -1.07
C LEU A 46 16.36 -4.81 0.31
N GLY A 47 16.97 -4.06 1.21
CA GLY A 47 16.41 -3.73 2.52
C GLY A 47 16.42 -2.21 2.62
N TYR A 48 17.44 -1.69 3.27
CA TYR A 48 17.63 -0.28 3.47
C TYR A 48 18.32 0.33 2.25
N VAL A 49 17.91 1.53 1.87
CA VAL A 49 18.59 2.25 0.81
C VAL A 49 18.51 3.77 1.04
N GLU A 50 19.56 4.49 0.64
CA GLU A 50 19.63 5.92 0.74
C GLU A 50 20.26 6.49 -0.51
N GLY A 51 19.82 7.67 -0.89
CA GLY A 51 20.42 8.34 -2.05
C GLY A 51 20.25 9.83 -1.99
N ARG A 52 21.16 10.55 -2.60
CA ARG A 52 21.06 11.98 -2.79
C ARG A 52 21.72 12.36 -4.11
N LEU A 53 21.17 13.36 -4.78
CA LEU A 53 21.78 14.02 -5.93
C LEU A 53 22.06 15.47 -5.53
N GLU A 54 21.26 16.41 -6.02
CA GLU A 54 21.56 17.83 -5.80
C GLU A 54 20.84 18.44 -4.62
N GLY A 55 19.90 17.69 -4.02
CA GLY A 55 19.07 18.23 -2.96
C GLY A 55 19.10 17.42 -1.70
N GLU A 56 17.91 17.02 -1.22
CA GLU A 56 17.75 16.29 0.02
C GLU A 56 18.05 14.81 -0.20
N LYS A 57 18.40 14.12 0.87
CA LYS A 57 18.56 12.67 0.86
C LYS A 57 17.21 11.98 1.06
N LEU A 58 17.01 10.90 0.32
CA LEU A 58 15.91 9.97 0.51
C LEU A 58 16.42 8.71 1.18
N VAL A 59 15.77 8.30 2.27
CA VAL A 59 16.08 7.07 3.02
C VAL A 59 14.85 6.18 3.02
N ILE A 60 15.03 4.90 2.70
CA ILE A 60 13.93 3.95 2.57
C ILE A 60 14.26 2.68 3.32
N GLU A 61 13.29 2.17 4.10
CA GLU A 61 13.42 0.85 4.72
C GLU A 61 12.33 -0.04 4.15
N ASN A 62 12.69 -1.22 3.70
CA ASN A 62 11.78 -2.15 3.02
C ASN A 62 11.63 -3.42 3.87
N ARG A 63 10.37 -3.87 4.02
CA ARG A 63 10.07 -5.19 4.57
C ARG A 63 9.12 -5.90 3.60
N CYS A 64 9.36 -7.17 3.32
CA CYS A 64 8.54 -7.82 2.30
C CYS A 64 8.41 -9.30 2.58
N TYR A 65 7.17 -9.80 2.58
CA TYR A 65 6.87 -11.20 2.89
C TYR A 65 5.91 -11.79 1.86
N GLN A 66 5.61 -13.06 2.02
CA GLN A 66 4.62 -13.73 1.18
C GLN A 66 3.95 -14.81 2.02
N THR A 67 2.69 -15.10 1.67
CA THR A 67 1.96 -16.23 2.22
C THR A 67 1.29 -16.95 1.05
N PRO A 68 0.66 -18.09 1.32
CA PRO A 68 -0.02 -18.75 0.20
C PRO A 68 -1.11 -17.90 -0.48
N GLN A 69 -1.74 -16.98 0.25
CA GLN A 69 -2.78 -16.14 -0.32
C GLN A 69 -2.29 -14.80 -0.85
N PHE A 70 -1.15 -14.35 -0.36
CA PHE A 70 -0.59 -13.05 -0.74
C PHE A 70 0.82 -13.26 -1.34
N ARG A 71 0.91 -13.04 -2.65
CA ARG A 71 2.14 -13.18 -3.41
C ARG A 71 3.27 -12.34 -2.87
N LYS A 72 2.95 -11.14 -2.41
CA LYS A 72 3.97 -10.17 -1.99
C LYS A 72 3.31 -9.18 -1.07
N MET A 73 3.87 -9.04 0.09
CA MET A 73 3.34 -8.16 1.14
C MET A 73 4.42 -7.19 1.48
N HIS A 74 4.30 -5.95 1.02
CA HIS A 74 5.41 -5.02 1.02
C HIS A 74 5.08 -3.81 1.87
N LEU A 75 5.90 -3.54 2.89
CA LEU A 75 5.77 -2.36 3.73
C LEU A 75 7.05 -1.55 3.57
N GLU A 76 6.89 -0.31 3.12
CA GLU A 76 8.01 0.57 2.92
C GLU A 76 7.85 1.83 3.75
N LEU A 77 8.90 2.26 4.43
CA LEU A 77 8.88 3.50 5.20
C LEU A 77 9.97 4.38 4.60
N ALA A 78 9.71 5.67 4.41
CA ALA A 78 10.66 6.56 3.78
C ALA A 78 10.67 7.94 4.38
N LYS A 79 11.81 8.60 4.30
CA LYS A 79 11.94 9.99 4.74
C LYS A 79 12.80 10.72 3.73
N VAL A 80 12.33 11.88 3.29
CA VAL A 80 13.15 12.81 2.48
C VAL A 80 13.60 13.92 3.36
N GLY A 81 14.91 14.01 3.54
CA GLY A 81 15.50 15.01 4.45
C GLY A 81 14.93 14.89 5.82
N LYS A 82 14.72 16.00 6.49
CA LYS A 82 14.27 15.94 7.86
C LYS A 82 12.79 15.81 8.00
N GLY A 83 12.05 16.35 7.05
CA GLY A 83 10.63 16.65 7.27
C GLY A 83 9.54 15.87 6.52
N LEU A 84 9.85 15.24 5.38
CA LEU A 84 8.82 14.54 4.58
C LEU A 84 8.90 13.04 4.84
N ASP A 85 7.82 12.47 5.36
CA ASP A 85 7.70 11.06 5.76
C ASP A 85 6.69 10.36 4.90
N ILE A 86 6.93 9.10 4.56
CA ILE A 86 6.06 8.35 3.66
C ILE A 86 5.92 6.92 4.18
N LEU A 87 4.70 6.42 4.11
CA LEU A 87 4.46 5.00 4.29
C LEU A 87 3.78 4.49 3.05
N HIS A 88 4.32 3.39 2.50
CA HIS A 88 3.74 2.66 1.36
C HIS A 88 3.50 1.21 1.75
N CYS A 89 2.32 0.68 1.48
CA CYS A 89 2.11 -0.72 1.71
C CYS A 89 1.18 -1.25 0.62
N VAL A 90 1.55 -2.40 0.03
CA VAL A 90 0.64 -3.16 -0.80
C VAL A 90 0.71 -4.61 -0.40
N MET A 91 -0.45 -5.25 -0.33
CA MET A 91 -0.54 -6.72 -0.29
C MET A 91 -1.03 -7.16 -1.67
N PHE A 92 -0.12 -7.73 -2.44
CA PHE A 92 -0.40 -8.28 -3.78
C PHE A 92 -0.96 -9.69 -3.62
N PRO A 93 -2.21 -9.90 -4.09
CA PRO A 93 -2.84 -11.20 -3.92
C PRO A 93 -2.26 -12.27 -4.85
N GLU A 94 -2.32 -13.51 -4.41
CA GLU A 94 -2.15 -14.64 -5.33
C GLU A 94 -3.40 -14.76 -6.21
N PRO A 95 -3.25 -14.60 -7.53
CA PRO A 95 -4.45 -14.60 -8.37
C PRO A 95 -5.37 -15.80 -8.21
N LEU A 96 -4.78 -16.97 -7.95
CA LEU A 96 -5.55 -18.18 -7.70
C LEU A 96 -6.75 -17.98 -6.74
N TYR A 97 -6.60 -17.12 -5.74
CA TYR A 97 -7.67 -16.93 -4.75
C TYR A 97 -8.60 -15.76 -5.00
N GLY A 98 -8.28 -14.95 -6.01
CA GLY A 98 -9.17 -13.87 -6.41
C GLY A 98 -9.39 -12.79 -5.38
N LEU A 99 -8.45 -12.62 -4.45
CA LEU A 99 -8.59 -11.55 -3.46
C LEU A 99 -8.22 -10.19 -4.04
N PRO A 100 -8.84 -9.11 -3.53
CA PRO A 100 -8.44 -7.77 -3.98
C PRO A 100 -7.03 -7.37 -3.49
N LEU A 101 -6.59 -6.23 -3.98
CA LEU A 101 -5.33 -5.64 -3.55
C LEU A 101 -5.53 -4.68 -2.40
N PHE A 102 -4.87 -4.90 -1.28
CA PHE A 102 -4.83 -3.92 -0.20
C PHE A 102 -3.69 -2.96 -0.50
N GLY A 103 -3.94 -1.68 -0.44
CA GLY A 103 -2.89 -0.68 -0.56
C GLY A 103 -3.11 0.48 0.34
N CYS A 104 -2.04 1.10 0.80
CA CYS A 104 -2.19 2.40 1.48
C CYS A 104 -0.94 3.22 1.28
N ASP A 105 -1.11 4.53 1.28
CA ASP A 105 -0.01 5.46 1.07
C ASP A 105 -0.25 6.63 1.99
N ILE A 106 0.75 6.99 2.80
CA ILE A 106 0.62 8.15 3.69
C ILE A 106 1.79 9.05 3.46
N VAL A 107 1.54 10.34 3.26
CA VAL A 107 2.63 11.31 3.07
C VAL A 107 2.48 12.40 4.09
N ALA A 108 3.54 12.76 4.79
CA ALA A 108 3.44 13.75 5.87
C ALA A 108 4.61 14.69 5.86
N GLY A 109 4.35 15.95 6.18
CA GLY A 109 5.41 16.92 6.38
C GLY A 109 5.25 17.61 7.72
N PRO A 110 6.02 18.70 7.91
CA PRO A 110 5.91 19.50 9.14
C PRO A 110 4.52 20.03 9.41
N GLY A 111 3.76 20.33 8.38
CA GLY A 111 2.41 20.76 8.58
C GLY A 111 1.44 19.66 8.93
N GLY A 112 1.93 18.42 9.05
CA GLY A 112 1.08 17.26 9.29
C GLY A 112 0.94 16.39 8.06
N VAL A 113 0.07 15.40 8.19
CA VAL A 113 -0.22 14.50 7.08
C VAL A 113 -0.90 15.28 5.96
N SER A 114 -0.35 15.20 4.76
CA SER A 114 -0.94 15.87 3.62
C SER A 114 -1.83 14.95 2.80
N ALA A 115 -1.47 13.66 2.74
CA ALA A 115 -2.21 12.64 1.96
C ALA A 115 -2.31 11.35 2.73
N ALA A 116 -3.51 10.81 2.80
CA ALA A 116 -3.71 9.49 3.39
C ALA A 116 -4.66 8.76 2.44
N ILE A 117 -4.19 7.66 1.89
CA ILE A 117 -4.92 6.86 0.92
C ILE A 117 -4.95 5.42 1.38
N ALA A 118 -6.10 4.77 1.30
CA ALA A 118 -6.19 3.36 1.60
C ALA A 118 -7.30 2.77 0.78
N ASP A 119 -7.10 1.54 0.32
CA ASP A 119 -8.13 0.86 -0.46
C ASP A 119 -7.97 -0.65 -0.41
N LEU A 120 -9.06 -1.31 -0.76
CA LEU A 120 -9.07 -2.71 -1.22
C LEU A 120 -9.56 -2.62 -2.66
N SER A 121 -8.64 -2.84 -3.59
CA SER A 121 -8.80 -2.55 -5.05
C SER A 121 -9.16 -3.81 -5.79
N PRO A 122 -10.14 -3.71 -6.72
CA PRO A 122 -10.64 -4.87 -7.44
C PRO A 122 -9.63 -5.44 -8.44
N THR A 123 -9.74 -6.74 -8.65
CA THR A 123 -8.99 -7.42 -9.70
C THR A 123 -9.90 -8.08 -10.73
N GLN A 124 -11.20 -8.14 -10.47
CA GLN A 124 -12.17 -8.71 -11.43
C GLN A 124 -12.29 -7.80 -12.66
N SER A 125 -12.60 -8.41 -13.80
CA SER A 125 -12.76 -7.65 -15.04
C SER A 125 -13.91 -6.64 -14.99
N ASP A 126 -14.95 -6.91 -14.20
CA ASP A 126 -16.07 -5.99 -14.04
C ASP A 126 -15.79 -4.85 -13.06
N ARG A 127 -14.55 -4.82 -12.55
CA ARG A 127 -14.06 -3.76 -11.67
C ARG A 127 -14.84 -3.62 -10.36
N GLN A 128 -15.46 -4.72 -9.91
CA GLN A 128 -16.15 -4.78 -8.63
C GLN A 128 -15.39 -5.68 -7.68
N LEU A 129 -15.51 -5.38 -6.38
CA LEU A 129 -14.94 -6.24 -5.34
C LEU A 129 -15.79 -7.47 -5.25
N PRO A 130 -15.25 -8.56 -4.70
CA PRO A 130 -16.07 -9.74 -4.46
C PRO A 130 -17.23 -9.43 -3.55
N ALA A 131 -18.31 -10.19 -3.72
CA ALA A 131 -19.55 -9.92 -2.99
C ALA A 131 -19.34 -9.87 -1.49
N ALA A 132 -18.51 -10.77 -0.96
CA ALA A 132 -18.24 -10.82 0.48
C ALA A 132 -17.58 -9.53 1.00
N TYR A 133 -16.71 -8.95 0.18
CA TYR A 133 -16.08 -7.68 0.54
C TYR A 133 -17.04 -6.51 0.48
N GLN A 134 -17.86 -6.49 -0.58
CA GLN A 134 -18.85 -5.43 -0.70
C GLN A 134 -19.77 -5.41 0.53
N LYS A 135 -20.18 -6.58 0.98
CA LYS A 135 -21.07 -6.72 2.13
C LYS A 135 -20.39 -6.20 3.40
N SER A 136 -19.21 -6.73 3.69
CA SER A 136 -18.48 -6.35 4.89
C SER A 136 -18.13 -4.88 4.89
N LEU A 137 -17.69 -4.36 3.75
CA LEU A 137 -17.28 -2.96 3.71
C LEU A 137 -18.47 -2.03 3.89
N ALA A 138 -19.58 -2.33 3.22
CA ALA A 138 -20.82 -1.55 3.40
C ALA A 138 -21.21 -1.44 4.87
N GLU A 139 -21.14 -2.54 5.60
CA GLU A 139 -21.48 -2.57 7.02
C GLU A 139 -20.69 -1.65 7.91
N LEU A 140 -19.49 -1.24 7.49
CA LEU A 140 -18.70 -0.30 8.25
C LEU A 140 -19.31 1.09 8.28
N GLY A 141 -20.14 1.41 7.30
CA GLY A 141 -20.70 2.75 7.20
C GLY A 141 -19.76 3.71 6.50
N GLN A 142 -20.32 4.82 6.04
CA GLN A 142 -19.58 5.86 5.36
C GLN A 142 -18.84 6.72 6.37
N PRO A 143 -17.50 6.76 6.29
CA PRO A 143 -16.78 7.58 7.24
C PRO A 143 -16.85 9.04 6.86
N GLU A 144 -16.88 9.92 7.84
CA GLU A 144 -16.91 11.35 7.59
C GLU A 144 -15.49 11.87 7.64
N PHE A 145 -15.08 12.55 6.58
CA PHE A 145 -13.84 13.30 6.57
C PHE A 145 -14.02 14.65 5.91
N GLU A 146 -13.47 15.67 6.55
CA GLU A 146 -13.72 17.06 6.13
C GLU A 146 -12.99 17.47 4.86
N GLN A 147 -11.83 16.87 4.59
CA GLN A 147 -11.01 17.26 3.45
C GLN A 147 -10.70 16.09 2.52
N GLN A 148 -11.71 15.71 1.76
CA GLN A 148 -11.58 14.67 0.76
C GLN A 148 -10.79 15.21 -0.44
N ARG A 149 -9.99 14.35 -1.05
CA ARG A 149 -9.20 14.68 -2.25
C ARG A 149 -9.67 13.80 -3.39
N GLU A 150 -9.75 14.40 -4.57
CA GLU A 150 -10.15 13.66 -5.76
C GLU A 150 -8.97 12.88 -6.35
N LEU A 151 -9.20 11.61 -6.65
CA LEU A 151 -8.14 10.80 -7.23
C LEU A 151 -7.75 11.31 -8.61
N PRO A 152 -6.46 11.14 -8.97
CA PRO A 152 -6.00 11.41 -10.35
C PRO A 152 -6.57 10.39 -11.30
N PRO A 153 -6.54 10.69 -12.60
CA PRO A 153 -7.17 9.76 -13.56
C PRO A 153 -6.68 8.31 -13.49
N TRP A 154 -5.39 8.11 -13.26
CA TRP A 154 -4.88 6.73 -13.18
C TRP A 154 -5.51 6.00 -12.00
N GLY A 155 -6.06 6.76 -11.03
CA GLY A 155 -6.76 6.19 -9.88
C GLY A 155 -8.12 5.51 -10.11
N GLU A 156 -8.55 5.38 -11.34
CA GLU A 156 -9.70 4.56 -11.70
C GLU A 156 -9.58 3.12 -11.18
N ILE A 157 -8.35 2.66 -10.94
CA ILE A 157 -8.12 1.32 -10.37
C ILE A 157 -8.66 1.13 -8.95
N PHE A 158 -8.90 2.19 -8.19
CA PHE A 158 -9.31 2.04 -6.81
C PHE A 158 -10.82 1.83 -6.73
N SER A 159 -11.22 1.12 -5.70
CA SER A 159 -12.62 0.85 -5.46
C SER A 159 -13.38 2.07 -5.00
N GLU A 160 -14.69 1.87 -4.95
CA GLU A 160 -15.59 2.87 -4.42
C GLU A 160 -15.42 3.13 -2.91
N TYR A 161 -14.71 2.23 -2.23
CA TYR A 161 -14.41 2.38 -0.81
C TYR A 161 -13.07 3.06 -0.53
N CYS A 162 -12.37 3.46 -1.57
CA CYS A 162 -11.06 4.09 -1.42
C CYS A 162 -11.17 5.38 -0.60
N LEU A 163 -10.26 5.58 0.33
CA LEU A 163 -10.12 6.81 1.07
C LEU A 163 -8.97 7.59 0.49
N PHE A 164 -9.14 8.89 0.32
CA PHE A 164 -8.05 9.76 -0.12
C PHE A 164 -8.40 11.09 0.53
N ILE A 165 -7.70 11.40 1.61
CA ILE A 165 -7.95 12.58 2.38
C ILE A 165 -6.70 13.32 2.79
N ARG A 166 -6.89 14.58 3.22
CA ARG A 166 -5.94 15.24 4.11
C ARG A 166 -6.63 15.24 5.49
N PRO A 167 -6.08 14.52 6.48
CA PRO A 167 -6.68 14.49 7.80
C PRO A 167 -6.75 15.90 8.38
N SER A 168 -7.90 16.27 8.95
CA SER A 168 -8.05 17.65 9.45
C SER A 168 -7.56 17.84 10.88
N ASN A 169 -7.48 16.75 11.63
CA ASN A 169 -7.15 16.80 13.04
C ASN A 169 -6.85 15.38 13.53
N VAL A 170 -6.53 15.26 14.81
CA VAL A 170 -6.23 13.99 15.41
C VAL A 170 -7.37 13.01 15.36
N THR A 171 -8.60 13.46 15.60
CA THR A 171 -9.77 12.60 15.49
C THR A 171 -9.83 11.93 14.12
N GLU A 172 -9.61 12.70 13.08
CA GLU A 172 -9.63 12.13 11.73
C GLU A 172 -8.45 11.20 11.45
N GLU A 173 -7.28 11.52 11.97
CA GLU A 173 -6.10 10.63 11.82
C GLU A 173 -6.43 9.28 12.42
N GLU A 174 -6.98 9.29 13.63
CA GLU A 174 -7.37 8.04 14.28
C GLU A 174 -8.50 7.31 13.56
N ARG A 175 -9.47 8.04 13.02
CA ARG A 175 -10.58 7.42 12.29
C ARG A 175 -10.05 6.73 11.02
N PHE A 176 -9.10 7.37 10.35
CA PHE A 176 -8.51 6.78 9.16
C PHE A 176 -7.76 5.50 9.53
N VAL A 177 -6.91 5.58 10.55
CA VAL A 177 -6.13 4.39 10.96
C VAL A 177 -7.07 3.23 11.32
N GLN A 178 -8.13 3.51 12.05
CA GLN A 178 -9.05 2.45 12.42
C GLN A 178 -9.76 1.84 11.20
N ARG A 179 -10.05 2.67 10.20
CA ARG A 179 -10.68 2.16 8.99
C ARG A 179 -9.69 1.25 8.23
N VAL A 180 -8.40 1.58 8.23
CA VAL A 180 -7.44 0.69 7.64
C VAL A 180 -7.36 -0.63 8.43
N VAL A 181 -7.39 -0.54 9.75
CA VAL A 181 -7.47 -1.74 10.59
C VAL A 181 -8.64 -2.59 10.19
N ASP A 182 -9.80 -1.95 10.01
CA ASP A 182 -11.02 -2.64 9.61
C ASP A 182 -10.88 -3.30 8.23
N PHE A 183 -10.28 -2.59 7.27
CA PHE A 183 -9.96 -3.20 5.97
C PHE A 183 -9.11 -4.44 6.11
N LEU A 184 -8.04 -4.34 6.91
CA LEU A 184 -7.13 -5.47 7.09
C LEU A 184 -7.83 -6.66 7.75
N GLN A 185 -8.68 -6.39 8.72
CA GLN A 185 -9.40 -7.46 9.40
C GLN A 185 -10.33 -8.21 8.44
N ILE A 186 -11.07 -7.47 7.60
CA ILE A 186 -11.89 -8.06 6.58
C ILE A 186 -11.04 -8.88 5.60
N HIS A 187 -9.95 -8.29 5.13
CA HIS A 187 -9.07 -8.91 4.13
C HIS A 187 -8.44 -10.22 4.62
N CYS A 188 -7.93 -10.21 5.84
CA CYS A 188 -7.31 -11.40 6.41
C CYS A 188 -8.36 -12.50 6.61
N HIS A 189 -9.57 -12.12 7.04
CA HIS A 189 -10.60 -13.13 7.18
C HIS A 189 -11.03 -13.70 5.84
N GLN A 190 -11.31 -12.81 4.88
CA GLN A 190 -11.68 -13.31 3.56
C GLN A 190 -10.62 -14.20 2.94
N SER A 191 -9.35 -13.97 3.26
CA SER A 191 -8.28 -14.79 2.72
C SER A 191 -8.38 -16.24 3.17
N ILE A 192 -8.92 -16.48 4.34
CA ILE A 192 -9.00 -17.84 4.84
C ILE A 192 -10.25 -18.57 4.32
N VAL A 193 -11.28 -17.82 3.94
CA VAL A 193 -12.51 -18.45 3.42
C VAL A 193 -12.58 -18.49 1.89
N ALA A 194 -11.56 -17.96 1.22
CA ALA A 194 -11.67 -17.75 -0.23
C ALA A 194 -11.53 -19.07 -0.96
N GLU A 195 -12.55 -19.37 -1.78
CA GLU A 195 -12.55 -20.55 -2.66
C GLU A 195 -11.48 -20.30 -3.74
N PRO A 196 -10.58 -21.28 -3.92
CA PRO A 196 -9.59 -21.15 -5.01
C PRO A 196 -10.30 -21.33 -6.36
N LEU A 197 -9.77 -20.73 -7.42
CA LEU A 197 -10.57 -20.43 -8.60
C LEU A 197 -10.14 -21.20 -9.84
N SER A 198 -11.00 -21.13 -10.84
CA SER A 198 -10.73 -21.76 -12.15
C SER A 198 -9.54 -21.12 -12.87
N GLU A 199 -8.99 -21.80 -13.87
CA GLU A 199 -7.83 -21.26 -14.61
C GLU A 199 -8.21 -19.95 -15.33
N ALA A 200 -9.42 -19.89 -15.86
CA ALA A 200 -9.90 -18.68 -16.56
C ALA A 200 -10.07 -17.53 -15.57
N GLN A 201 -10.63 -17.84 -14.41
CA GLN A 201 -10.79 -16.83 -13.36
C GLN A 201 -9.45 -16.37 -12.83
N THR A 202 -8.48 -17.28 -12.68
CA THR A 202 -7.14 -16.92 -12.23
C THR A 202 -6.47 -15.94 -13.21
N LEU A 203 -6.61 -16.24 -14.49
CA LEU A 203 -6.17 -15.35 -15.53
C LEU A 203 -6.81 -13.97 -15.46
N GLU A 204 -8.13 -13.92 -15.28
CA GLU A 204 -8.82 -12.66 -15.12
C GLU A 204 -8.24 -11.82 -13.96
N HIS A 205 -8.14 -12.41 -12.77
CA HIS A 205 -7.50 -11.75 -11.62
C HIS A 205 -6.05 -11.33 -11.82
N ARG A 206 -5.26 -12.17 -12.47
CA ARG A 206 -3.90 -11.81 -12.84
C ARG A 206 -3.87 -10.53 -13.66
N GLN A 207 -4.76 -10.44 -14.64
CA GLN A 207 -4.78 -9.25 -15.49
C GLN A 207 -5.17 -8.02 -14.68
N GLY A 208 -6.08 -8.16 -13.72
CA GLY A 208 -6.44 -7.03 -12.90
C GLY A 208 -5.27 -6.49 -12.09
N GLN A 209 -4.42 -7.39 -11.63
CA GLN A 209 -3.26 -7.04 -10.84
C GLN A 209 -2.19 -6.37 -11.72
N ILE A 210 -2.02 -6.88 -12.95
CA ILE A 210 -1.09 -6.28 -13.92
C ILE A 210 -1.56 -4.84 -14.22
N HIS A 211 -2.85 -4.67 -14.48
CA HIS A 211 -3.37 -3.34 -14.79
C HIS A 211 -3.16 -2.38 -13.61
N TYR A 212 -3.41 -2.87 -12.40
CA TYR A 212 -3.18 -2.08 -11.19
C TYR A 212 -1.75 -1.54 -11.13
N CYS A 213 -0.76 -2.41 -11.35
CA CYS A 213 0.62 -2.02 -11.32
C CYS A 213 0.95 -1.03 -12.42
N GLN A 214 0.47 -1.28 -13.62
CA GLN A 214 0.74 -0.38 -14.73
C GLN A 214 0.21 1.01 -14.46
N GLN A 215 -1.00 1.08 -13.88
CA GLN A 215 -1.59 2.36 -13.52
C GLN A 215 -0.85 3.08 -12.37
N GLN A 216 -0.48 2.33 -11.35
CA GLN A 216 0.29 2.91 -10.23
C GLN A 216 1.60 3.54 -10.69
N GLN A 217 2.20 2.97 -11.75
CA GLN A 217 3.46 3.47 -12.28
C GLN A 217 3.26 4.84 -12.94
N LYS A 218 2.01 5.27 -13.14
CA LYS A 218 1.75 6.58 -13.73
C LYS A 218 1.72 7.71 -12.71
N ASN A 219 1.95 7.38 -11.44
CA ASN A 219 1.98 8.36 -10.39
C ASN A 219 3.25 9.18 -10.44
N ASP A 220 3.17 10.40 -10.97
CA ASP A 220 4.36 11.23 -11.04
C ASP A 220 4.77 11.81 -9.67
N LYS A 221 3.91 11.75 -8.65
CA LYS A 221 4.29 12.25 -7.33
C LYS A 221 5.38 11.36 -6.74
N THR A 222 5.16 10.07 -6.80
CA THR A 222 6.17 9.13 -6.35
C THR A 222 7.42 9.26 -7.21
N ARG A 223 7.23 9.31 -8.53
CA ARG A 223 8.38 9.28 -9.44
C ARG A 223 9.30 10.48 -9.20
N ARG A 224 8.73 11.67 -8.97
CA ARG A 224 9.56 12.86 -8.80
C ARG A 224 10.39 12.75 -7.53
N VAL A 225 9.80 12.25 -6.44
CA VAL A 225 10.56 12.06 -5.22
C VAL A 225 11.75 11.11 -5.46
N LEU A 226 11.50 10.01 -6.11
CA LEU A 226 12.56 9.04 -6.38
C LEU A 226 13.65 9.65 -7.29
N GLU A 227 13.22 10.38 -8.31
CA GLU A 227 14.16 10.93 -9.32
C GLU A 227 15.02 12.00 -8.70
N LYS A 228 14.46 12.80 -7.80
CA LYS A 228 15.28 13.86 -7.18
C LYS A 228 16.39 13.34 -6.30
N ALA A 229 16.24 12.11 -5.77
CA ALA A 229 17.29 11.51 -4.92
C ALA A 229 18.22 10.56 -5.68
N PHE A 230 17.72 9.92 -6.72
CA PHE A 230 18.44 8.83 -7.40
C PHE A 230 18.51 8.94 -8.89
N GLY A 231 17.71 9.80 -9.51
CA GLY A 231 17.68 9.90 -10.98
C GLY A 231 16.66 9.07 -11.68
N GLU A 232 16.47 9.39 -12.96
CA GLU A 232 15.40 8.82 -13.78
C GLU A 232 15.51 7.31 -13.93
N ALA A 233 16.70 6.81 -14.26
CA ALA A 233 16.84 5.37 -14.51
C ALA A 233 16.60 4.57 -13.24
N TRP A 234 17.14 5.04 -12.12
CA TRP A 234 16.98 4.32 -10.85
C TRP A 234 15.47 4.35 -10.48
N ALA A 235 14.81 5.47 -10.67
CA ALA A 235 13.38 5.58 -10.34
C ALA A 235 12.54 4.64 -11.18
N GLU A 236 12.85 4.53 -12.47
CA GLU A 236 12.07 3.65 -13.34
C GLU A 236 12.24 2.18 -12.92
N ARG A 237 13.47 1.79 -12.62
CA ARG A 237 13.71 0.47 -12.09
C ARG A 237 12.98 0.24 -10.77
N TYR A 238 13.01 1.22 -9.89
CA TYR A 238 12.40 1.01 -8.58
C TYR A 238 10.90 0.88 -8.70
N MET A 239 10.30 1.75 -9.49
CA MET A 239 8.87 1.72 -9.64
C MET A 239 8.39 0.47 -10.33
N SER A 240 9.11 0.01 -11.35
CA SER A 240 8.64 -1.13 -12.13
C SER A 240 9.11 -2.49 -11.59
N GLN A 241 10.15 -2.53 -10.76
CA GLN A 241 10.69 -3.78 -10.26
C GLN A 241 10.51 -4.00 -8.77
N VAL A 242 10.54 -2.92 -8.00
CA VAL A 242 10.44 -3.01 -6.53
C VAL A 242 9.03 -2.71 -6.04
N LEU A 243 8.45 -1.59 -6.45
CA LEU A 243 7.14 -1.17 -5.95
C LEU A 243 5.97 -1.89 -6.63
N PHE A 244 5.88 -1.78 -7.96
CA PHE A 244 4.72 -2.22 -8.73
C PHE A 244 5.11 -3.16 -9.84
N ASP A 245 5.64 -4.30 -9.45
CA ASP A 245 6.16 -5.28 -10.40
C ASP A 245 5.02 -5.97 -11.14
N VAL A 246 5.13 -6.05 -12.46
CA VAL A 246 4.10 -6.64 -13.28
C VAL A 246 4.40 -8.11 -13.36
N ILE A 247 3.53 -8.94 -12.80
CA ILE A 247 3.69 -10.40 -12.89
C ILE A 247 3.38 -10.86 -14.32
N GLN A 248 4.03 -11.93 -14.76
CA GLN A 248 4.13 -12.21 -16.21
C GLN A 248 4.77 -13.58 -16.47
NA 18B B . 2.84 9.88 -3.10
NB 18B B . 4.50 7.46 -2.20
OB 18B B . 4.61 5.18 -1.86
NC 18B B . 0.75 5.38 -3.67
OC 18B B . 2.47 3.83 -3.34
ND 18B B . -0.19 8.42 -3.53
C1A 18B B . 2.00 10.91 -3.21
O1A 18B B . -0.15 15.43 -2.63
C1B 18B B . 5.48 8.37 -2.45
C1C 18B B . 1.18 4.10 -3.37
C1D 18B B . -1.31 7.85 -4.10
O1D 18B B . -2.22 13.81 -6.18
C2A 18B B . 2.59 12.23 -2.96
O2A 18B B . 0.00 15.47 -0.47
C2B 18B B . 6.81 7.82 -2.44
C2C 18B B . 0.19 3.15 -3.10
C2D 18B B . -2.23 8.77 -4.55
O2D 18B B . -1.51 13.10 -8.16
C3A 18B B . 3.99 11.93 -2.74
C3B 18B B . 6.59 6.40 -2.20
C3C 18B B . -1.02 3.94 -3.31
C3D 18B B . -1.62 10.00 -4.42
C4A 18B B . 4.02 10.49 -2.75
C4B 18B B . 5.19 6.30 -2.08
C4C 18B B . -0.57 5.29 -3.64
C4D 18B B . -0.38 9.74 -3.82
CAA 18B B . 1.93 13.59 -2.97
CAB 18B B . 7.63 5.34 -2.14
CAC 18B B . -2.47 3.65 -3.15
CAD 18B B . -2.09 11.36 -4.92
CBA 18B B . 1.35 13.86 -1.59
CBB 18B B . 7.82 5.31 -0.64
CBB 18B B . 7.16 3.95 -2.40
CBC 18B B . -2.92 2.59 -2.48
CBD 18B B . -1.48 11.56 -6.33
CGA 18B B . 0.33 14.98 -1.57
CGD 18B B . -1.76 12.93 -6.93
CHA 18B B . 0.58 10.83 -3.50
CHB 18B B . 5.29 9.78 -2.68
CHD 18B B . -1.50 6.41 -3.86
CMA 18B B . 5.09 12.91 -2.44
CMB 18B B . 8.11 8.53 -2.66
CMC 18B B . 0.29 1.69 -2.77
CMD 18B B . -3.58 8.54 -5.16
#